data_6JBC
#
_entry.id   6JBC
#
_cell.length_a   94.803
_cell.length_b   94.803
_cell.length_c   60.040
_cell.angle_alpha   90.000
_cell.angle_beta   90.000
_cell.angle_gamma   120.000
#
_symmetry.space_group_name_H-M   'P 3 2 1'
#
loop_
_entity.id
_entity.type
_entity.pdbx_description
1 polymer 'Pantoate kinase'
2 non-polymer 'TETRAETHYLENE GLYCOL'
3 non-polymer GLYCEROL
4 non-polymer 1,2-ETHANEDIOL
5 non-polymer PYROPHOSPHATE
6 non-polymer 'CALCIUM ION'
7 non-polymer 'SODIUM ION'
8 water water
#
_entity_poly.entity_id   1
_entity_poly.type   'polypeptide(L)'
_entity_poly.pdbx_seq_one_letter_code
;MLIRAFIPAHITAFFVPVFHEEPLKAGSLGAGVNLSKGTNVFASIETGTLERHIHVAFNGEPVKREEAEITYYVAEKLVP
KDFLGEVEVWQYFDFPNGYGFGNSAGGALGTALALSYAFGGTWLRAAQLAHEAEVKHKGGLGDVIGQLAGGIEVRIKPGG
PGIGVTDNLFFEDYKVLVVPLGRLSTREVLDGDVVKAIEVEGRKALEELLKEPKPERMMVLARNFAEKTGLLPGELSEIA
RELDKVLKNPSSMIMLGKGLFALVRDEEAEKAKQLLSDMNLPYDIAEIYTERPKVGRWVG
;
_entity_poly.pdbx_strand_id   A
#
# COMPACT_ATOMS: atom_id res chain seq x y z
N MET A 1 19.52 19.48 1.61
CA MET A 1 20.44 18.31 1.84
C MET A 1 19.65 17.18 2.48
N LEU A 2 18.41 17.48 2.87
CA LEU A 2 17.51 16.51 3.50
C LEU A 2 16.22 16.46 2.68
N ILE A 3 15.95 15.31 2.06
CA ILE A 3 14.76 15.15 1.23
C ILE A 3 13.69 14.31 1.91
N ARG A 4 12.44 14.75 1.85
CA ARG A 4 11.34 14.03 2.47
C ARG A 4 10.33 13.58 1.42
N ALA A 5 9.84 12.36 1.55
CA ALA A 5 8.82 11.84 0.65
C ALA A 5 7.71 11.16 1.44
N PHE A 6 6.48 11.30 0.98
CA PHE A 6 5.35 10.67 1.67
C PHE A 6 4.55 9.78 0.72
N ILE A 7 4.43 8.52 1.10
CA ILE A 7 3.68 7.54 0.33
C ILE A 7 2.52 7.08 1.17
N PRO A 8 1.30 7.20 0.64
CA PRO A 8 0.14 6.78 1.42
C PRO A 8 0.08 5.28 1.62
N ALA A 9 -0.51 4.85 2.74
CA ALA A 9 -0.64 3.42 3.00
C ALA A 9 -1.65 2.94 1.98
N HIS A 10 -1.43 1.75 1.44
CA HIS A 10 -2.37 1.21 0.46
C HIS A 10 -3.03 -0.05 0.98
N ILE A 11 -4.37 -0.07 0.90
CA ILE A 11 -5.18 -1.18 1.35
C ILE A 11 -5.92 -1.73 0.14
N THR A 12 -5.71 -3.01 -0.18
CA THR A 12 -6.38 -3.64 -1.30
C THR A 12 -7.73 -4.22 -0.87
N ALA A 13 -8.76 -3.99 -1.67
CA ALA A 13 -10.10 -4.49 -1.39
C ALA A 13 -10.17 -5.97 -1.80
N PHE A 14 -9.78 -6.22 -3.04
CA PHE A 14 -9.75 -7.56 -3.60
C PHE A 14 -8.72 -7.45 -4.71
N PHE A 15 -8.32 -8.59 -5.27
CA PHE A 15 -7.29 -8.58 -6.30
C PHE A 15 -7.22 -9.87 -7.09
N VAL A 16 -6.33 -9.84 -8.09
CA VAL A 16 -6.05 -10.95 -8.97
C VAL A 16 -4.58 -10.77 -9.33
N PRO A 17 -3.71 -11.63 -8.79
CA PRO A 17 -2.30 -11.51 -9.08
C PRO A 17 -1.92 -11.98 -10.46
N VAL A 18 -1.25 -11.12 -11.20
CA VAL A 18 -0.74 -11.49 -12.51
C VAL A 18 0.76 -11.48 -12.28
N PHE A 19 1.32 -12.68 -12.19
CA PHE A 19 2.73 -12.86 -12.00
C PHE A 19 3.31 -12.88 -13.39
N HIS A 20 4.47 -12.26 -13.52
CA HIS A 20 5.14 -12.19 -14.81
C HIS A 20 6.63 -11.97 -14.54
N GLU A 21 7.45 -12.78 -15.21
CA GLU A 21 8.91 -12.73 -15.07
C GLU A 21 9.50 -11.39 -15.46
N GLU A 22 8.71 -10.57 -16.12
CA GLU A 22 9.16 -9.25 -16.49
C GLU A 22 8.53 -8.30 -15.47
N PRO A 23 9.33 -7.81 -14.51
CA PRO A 23 8.88 -6.89 -13.45
C PRO A 23 7.85 -5.85 -13.93
N LEU A 24 8.21 -5.09 -14.96
CA LEU A 24 7.30 -4.07 -15.49
C LEU A 24 5.99 -4.65 -16.03
N LYS A 25 6.00 -5.90 -16.45
CA LYS A 25 4.77 -6.50 -16.98
C LYS A 25 4.00 -7.20 -15.88
N ALA A 26 4.64 -7.31 -14.73
CA ALA A 26 4.07 -7.94 -13.55
C ALA A 26 3.21 -6.93 -12.80
N GLY A 27 2.15 -7.45 -12.18
CA GLY A 27 1.24 -6.63 -11.43
C GLY A 27 0.04 -7.42 -10.94
N SER A 28 -1.05 -6.71 -10.76
CA SER A 28 -2.28 -7.31 -10.28
C SER A 28 -3.47 -6.47 -10.70
N LEU A 29 -4.63 -7.12 -10.82
CA LEU A 29 -5.85 -6.42 -11.16
C LEU A 29 -6.55 -6.31 -9.82
N GLY A 30 -7.36 -5.26 -9.63
CA GLY A 30 -8.06 -5.15 -8.38
C GLY A 30 -8.40 -3.72 -8.03
N ALA A 31 -8.86 -3.53 -6.79
CA ALA A 31 -9.23 -2.23 -6.26
C ALA A 31 -8.61 -2.05 -4.87
N GLY A 32 -8.34 -0.79 -4.52
CA GLY A 32 -7.77 -0.44 -3.25
C GLY A 32 -8.08 1.01 -2.89
N VAL A 33 -7.60 1.40 -1.71
CA VAL A 33 -7.76 2.75 -1.19
C VAL A 33 -6.44 3.22 -0.55
N ASN A 34 -6.15 4.50 -0.72
CA ASN A 34 -4.97 5.09 -0.17
C ASN A 34 -5.32 6.00 1.00
N LEU A 35 -4.66 5.77 2.13
CA LEU A 35 -4.91 6.52 3.35
C LEU A 35 -4.03 7.76 3.53
N SER A 36 -4.58 8.74 4.27
CA SER A 36 -3.84 9.96 4.54
C SER A 36 -2.69 9.64 5.48
N LYS A 37 -2.75 8.45 6.06
CA LYS A 37 -1.73 7.92 6.96
C LYS A 37 -0.83 7.01 6.11
N GLY A 38 0.46 7.11 6.30
CA GLY A 38 1.37 6.30 5.52
C GLY A 38 2.81 6.41 5.93
N THR A 39 3.67 6.27 4.92
CA THR A 39 5.09 6.27 5.17
C THR A 39 5.79 7.55 4.83
N ASN A 40 6.61 8.03 5.76
CA ASN A 40 7.38 9.23 5.51
C ASN A 40 8.84 8.80 5.37
N VAL A 41 9.44 9.11 4.23
CA VAL A 41 10.84 8.74 4.00
C VAL A 41 11.72 9.98 3.95
N PHE A 42 12.78 9.99 4.75
CA PHE A 42 13.69 11.12 4.75
C PHE A 42 15.06 10.68 4.30
N ALA A 43 15.57 11.32 3.23
CA ALA A 43 16.88 11.02 2.69
C ALA A 43 17.91 12.09 3.06
N SER A 44 18.89 11.71 3.86
CA SER A 44 19.94 12.64 4.27
C SER A 44 21.15 12.31 3.41
N ILE A 45 21.77 13.31 2.81
CA ILE A 45 22.91 13.02 1.94
C ILE A 45 24.02 14.03 2.13
N GLU A 46 25.20 13.52 2.43
CA GLU A 46 26.36 14.34 2.67
C GLU A 46 27.51 13.88 1.79
N THR A 47 28.15 14.83 1.13
CA THR A 47 29.32 14.55 0.30
C THR A 47 30.58 14.58 1.18
N GLY A 48 31.60 13.83 0.74
CA GLY A 48 32.87 13.76 1.43
C GLY A 48 33.41 12.34 1.53
N THR A 49 34.55 12.23 2.21
CA THR A 49 35.26 10.98 2.46
C THR A 49 35.88 10.37 1.21
N LEU A 50 36.41 9.17 1.41
CA LEU A 50 37.03 8.34 0.39
C LEU A 50 36.21 7.05 0.24
N GLU A 51 35.02 7.00 0.88
CA GLU A 51 34.10 5.84 0.87
C GLU A 51 32.62 6.18 0.61
N ARG A 52 31.91 5.23 -0.01
CA ARG A 52 30.48 5.35 -0.38
C ARG A 52 29.61 4.43 0.49
N HIS A 53 28.90 5.01 1.45
CA HIS A 53 28.06 4.17 2.32
C HIS A 53 26.59 4.57 2.45
N ILE A 54 25.73 3.57 2.31
CA ILE A 54 24.29 3.75 2.42
C ILE A 54 23.78 3.14 3.72
N HIS A 55 23.03 3.91 4.49
CA HIS A 55 22.48 3.43 5.75
C HIS A 55 20.97 3.56 5.74
N VAL A 56 20.29 2.59 6.35
CA VAL A 56 18.82 2.60 6.39
C VAL A 56 18.25 2.45 7.80
N ALA A 57 17.11 3.08 8.06
CA ALA A 57 16.50 2.98 9.38
C ALA A 57 15.00 2.86 9.28
N PHE A 58 14.41 2.08 10.20
CA PHE A 58 12.96 1.91 10.26
C PHE A 58 12.53 2.46 11.60
N ASN A 59 11.67 3.48 11.58
CA ASN A 59 11.20 4.09 12.83
C ASN A 59 12.33 4.46 13.82
N GLY A 60 13.31 5.22 13.33
CA GLY A 60 14.41 5.62 14.19
C GLY A 60 15.49 4.60 14.46
N GLU A 61 15.25 3.31 14.22
CA GLU A 61 16.28 2.31 14.47
C GLU A 61 16.95 1.79 13.20
N PRO A 62 18.28 1.76 13.18
CA PRO A 62 19.04 1.27 12.03
C PRO A 62 18.64 -0.17 11.69
N VAL A 63 18.68 -0.52 10.43
CA VAL A 63 18.26 -1.84 10.01
C VAL A 63 19.30 -2.47 9.07
N LYS A 64 19.56 -3.76 9.25
CA LYS A 64 20.51 -4.48 8.40
C LYS A 64 19.89 -4.57 7.00
N ARG A 65 20.75 -4.58 5.99
CA ARG A 65 20.33 -4.64 4.57
C ARG A 65 19.44 -5.84 4.26
N GLU A 66 19.53 -6.85 5.12
CA GLU A 66 18.79 -8.10 4.98
C GLU A 66 17.33 -7.94 5.37
N GLU A 67 17.05 -6.85 6.08
CA GLU A 67 15.70 -6.51 6.54
C GLU A 67 15.22 -5.29 5.78
N ALA A 68 16.15 -4.68 5.07
CA ALA A 68 15.96 -3.46 4.28
C ALA A 68 16.28 -3.70 2.80
N GLU A 69 16.41 -4.97 2.44
CA GLU A 69 16.74 -5.41 1.07
C GLU A 69 16.06 -4.65 -0.07
N ILE A 70 14.78 -4.35 0.11
CA ILE A 70 14.03 -3.63 -0.92
C ILE A 70 14.49 -2.17 -1.02
N THR A 71 14.62 -1.52 0.13
CA THR A 71 15.09 -0.15 0.17
C THR A 71 16.53 -0.07 -0.35
N TYR A 72 17.40 -1.02 0.03
CA TYR A 72 18.81 -1.03 -0.41
C TYR A 72 18.91 -1.32 -1.91
N TYR A 73 18.02 -2.19 -2.41
CA TYR A 73 18.00 -2.53 -3.83
C TYR A 73 17.82 -1.24 -4.61
N VAL A 74 16.87 -0.43 -4.14
CA VAL A 74 16.59 0.85 -4.76
C VAL A 74 17.77 1.79 -4.60
N ALA A 75 18.17 2.05 -3.35
CA ALA A 75 19.27 2.95 -3.06
C ALA A 75 20.53 2.60 -3.84
N GLU A 76 20.87 1.32 -3.89
CA GLU A 76 22.04 0.89 -4.63
C GLU A 76 22.04 1.41 -6.07
N LYS A 77 20.87 1.32 -6.71
CA LYS A 77 20.72 1.78 -8.10
C LYS A 77 20.75 3.29 -8.21
N LEU A 78 20.01 3.97 -7.34
CA LEU A 78 19.94 5.43 -7.39
C LEU A 78 21.16 6.17 -6.90
N VAL A 79 21.95 5.53 -6.04
CA VAL A 79 23.16 6.18 -5.53
C VAL A 79 24.32 5.81 -6.45
N PRO A 80 24.92 6.83 -7.09
CA PRO A 80 26.05 6.66 -8.00
C PRO A 80 27.13 5.72 -7.47
N LYS A 81 27.61 4.81 -8.33
CA LYS A 81 28.66 3.88 -7.92
C LYS A 81 29.95 4.62 -7.58
N ASP A 82 30.15 5.79 -8.17
CA ASP A 82 31.34 6.58 -7.92
C ASP A 82 31.12 7.69 -6.91
N PHE A 83 29.95 7.67 -6.28
CA PHE A 83 29.64 8.67 -5.28
C PHE A 83 30.53 8.45 -4.06
N LEU A 84 30.92 9.54 -3.40
CA LEU A 84 31.74 9.46 -2.19
C LEU A 84 31.05 10.24 -1.09
N GLY A 85 30.58 9.50 -0.08
CA GLY A 85 29.90 10.14 1.04
C GLY A 85 29.01 9.16 1.76
N GLU A 86 27.98 9.68 2.40
CA GLU A 86 27.06 8.84 3.16
C GLU A 86 25.61 9.20 2.87
N VAL A 87 24.82 8.18 2.56
CA VAL A 87 23.41 8.34 2.30
C VAL A 87 22.59 7.66 3.40
N GLU A 88 21.67 8.40 4.00
CA GLU A 88 20.84 7.85 5.07
C GLU A 88 19.37 7.92 4.72
N VAL A 89 18.68 6.78 4.87
CA VAL A 89 17.27 6.72 4.55
C VAL A 89 16.50 6.43 5.80
N TRP A 90 15.78 7.42 6.31
CA TRP A 90 14.97 7.24 7.50
C TRP A 90 13.49 7.06 7.16
N GLN A 91 13.00 5.85 7.37
CA GLN A 91 11.61 5.59 7.08
C GLN A 91 10.80 5.50 8.37
N TYR A 92 9.62 6.12 8.34
CA TYR A 92 8.70 6.14 9.46
C TYR A 92 7.34 5.65 8.96
N PHE A 93 6.83 4.60 9.58
CA PHE A 93 5.55 4.02 9.20
C PHE A 93 4.42 4.40 10.19
N ASP A 94 3.18 4.43 9.70
CA ASP A 94 2.05 4.72 10.56
C ASP A 94 1.34 3.40 10.87
N PHE A 95 1.78 2.32 10.23
CA PHE A 95 1.19 0.99 10.41
C PHE A 95 2.28 -0.07 10.49
N PRO A 96 2.04 -1.13 11.29
CA PRO A 96 3.01 -2.22 11.45
C PRO A 96 3.29 -2.95 10.15
N ASN A 97 4.45 -3.59 10.06
CA ASN A 97 4.79 -4.32 8.86
C ASN A 97 3.95 -5.60 8.77
N GLY A 98 3.80 -6.10 7.55
CA GLY A 98 3.06 -7.33 7.33
C GLY A 98 1.60 -7.29 7.75
N TYR A 99 1.02 -6.10 7.85
CA TYR A 99 -0.37 -6.00 8.24
C TYR A 99 -1.32 -5.73 7.07
N GLY A 100 -0.77 -5.71 5.86
CA GLY A 100 -1.57 -5.45 4.67
C GLY A 100 -1.67 -3.99 4.27
N PHE A 101 -0.82 -3.12 4.84
CA PHE A 101 -0.86 -1.70 4.51
C PHE A 101 0.11 -1.21 3.41
N GLY A 102 0.97 -2.10 2.94
CA GLY A 102 1.90 -1.72 1.88
C GLY A 102 3.14 -0.94 2.26
N ASN A 103 3.64 -1.13 3.49
CA ASN A 103 4.84 -0.44 3.98
C ASN A 103 6.05 -0.63 3.07
N SER A 104 6.30 -1.84 2.57
CA SER A 104 7.47 -2.01 1.73
C SER A 104 7.36 -1.17 0.46
N ALA A 105 6.15 -1.05 -0.10
CA ALA A 105 5.96 -0.23 -1.29
C ALA A 105 6.26 1.24 -0.93
N GLY A 106 5.84 1.62 0.27
CA GLY A 106 6.07 2.98 0.72
C GLY A 106 7.55 3.23 0.87
N GLY A 107 8.25 2.25 1.43
CA GLY A 107 9.67 2.39 1.61
C GLY A 107 10.40 2.38 0.29
N ALA A 108 9.91 1.58 -0.64
CA ALA A 108 10.53 1.47 -1.95
C ALA A 108 10.33 2.73 -2.78
N LEU A 109 9.09 3.23 -2.81
CA LEU A 109 8.76 4.40 -3.60
C LEU A 109 9.32 5.65 -2.92
N GLY A 110 9.05 5.80 -1.62
CA GLY A 110 9.57 6.96 -0.92
C GLY A 110 11.07 7.11 -1.18
N THR A 111 11.82 6.02 -1.02
CA THR A 111 13.26 6.00 -1.22
C THR A 111 13.60 6.38 -2.66
N ALA A 112 12.91 5.76 -3.59
CA ALA A 112 13.16 6.01 -4.99
C ALA A 112 12.89 7.46 -5.40
N LEU A 113 11.87 8.08 -4.83
CA LEU A 113 11.54 9.46 -5.16
C LEU A 113 12.52 10.43 -4.49
N ALA A 114 12.82 10.17 -3.23
CA ALA A 114 13.74 11.04 -2.53
C ALA A 114 15.14 11.02 -3.16
N LEU A 115 15.66 9.82 -3.45
CA LEU A 115 16.99 9.72 -4.04
C LEU A 115 17.06 10.20 -5.48
N SER A 116 16.04 9.90 -6.29
CA SER A 116 16.04 10.37 -7.67
C SER A 116 16.09 11.90 -7.66
N TYR A 117 15.38 12.48 -6.71
CA TYR A 117 15.32 13.92 -6.57
C TYR A 117 16.69 14.45 -6.22
N ALA A 118 17.45 13.67 -5.46
CA ALA A 118 18.78 14.08 -5.03
C ALA A 118 19.86 13.86 -6.08
N PHE A 119 19.93 12.63 -6.58
CA PHE A 119 20.92 12.23 -7.57
C PHE A 119 20.47 12.28 -9.03
N GLY A 120 19.34 12.92 -9.31
CA GLY A 120 18.86 13.01 -10.68
C GLY A 120 17.98 11.83 -11.09
N GLY A 121 16.99 12.11 -11.93
CA GLY A 121 16.08 11.06 -12.37
C GLY A 121 14.71 11.66 -12.68
N THR A 122 13.68 10.83 -12.68
CA THR A 122 12.33 11.27 -12.96
C THR A 122 11.33 10.45 -12.15
N TRP A 123 10.06 10.83 -12.23
CA TRP A 123 9.00 10.13 -11.52
C TRP A 123 8.79 8.73 -12.05
N LEU A 124 8.67 8.60 -13.38
CA LEU A 124 8.45 7.29 -13.98
C LEU A 124 9.66 6.35 -13.74
N ARG A 125 10.87 6.88 -13.86
CA ARG A 125 12.06 6.07 -13.63
C ARG A 125 12.10 5.61 -12.17
N ALA A 126 11.85 6.53 -11.24
CA ALA A 126 11.85 6.20 -9.83
C ALA A 126 10.70 5.25 -9.51
N ALA A 127 9.53 5.53 -10.09
CA ALA A 127 8.34 4.73 -9.86
C ALA A 127 8.55 3.30 -10.33
N GLN A 128 9.11 3.13 -11.52
CA GLN A 128 9.35 1.79 -12.07
C GLN A 128 10.34 0.98 -11.24
N LEU A 129 11.42 1.63 -10.81
CA LEU A 129 12.44 0.98 -10.01
C LEU A 129 11.88 0.49 -8.67
N ALA A 130 10.95 1.25 -8.11
CA ALA A 130 10.34 0.90 -6.83
C ALA A 130 9.40 -0.28 -7.04
N HIS A 131 8.72 -0.27 -8.18
CA HIS A 131 7.81 -1.35 -8.52
C HIS A 131 8.67 -2.60 -8.67
N GLU A 132 9.70 -2.47 -9.50
CA GLU A 132 10.65 -3.54 -9.78
C GLU A 132 11.12 -4.22 -8.49
N ALA A 133 11.65 -3.43 -7.56
CA ALA A 133 12.14 -3.92 -6.29
C ALA A 133 11.09 -4.70 -5.52
N GLU A 134 9.85 -4.26 -5.57
CA GLU A 134 8.76 -4.97 -4.88
C GLU A 134 8.60 -6.38 -5.43
N VAL A 135 8.31 -6.45 -6.73
CA VAL A 135 8.11 -7.72 -7.40
C VAL A 135 9.34 -8.63 -7.25
N LYS A 136 10.53 -8.07 -7.47
CA LYS A 136 11.78 -8.83 -7.33
C LYS A 136 11.92 -9.52 -5.96
N HIS A 137 11.61 -8.81 -4.88
CA HIS A 137 11.74 -9.37 -3.55
C HIS A 137 10.40 -9.82 -2.97
N LYS A 138 9.45 -10.15 -3.85
CA LYS A 138 8.12 -10.59 -3.38
C LYS A 138 7.48 -9.60 -2.41
N GLY A 139 7.69 -8.31 -2.68
CA GLY A 139 7.19 -7.22 -1.82
C GLY A 139 5.72 -6.96 -2.02
N GLY A 140 5.30 -6.87 -3.27
CA GLY A 140 3.91 -6.62 -3.59
C GLY A 140 3.73 -6.44 -5.10
N LEU A 141 2.48 -6.55 -5.54
CA LEU A 141 2.19 -6.41 -6.95
C LEU A 141 1.39 -5.16 -7.31
N GLY A 142 0.51 -4.72 -6.41
CA GLY A 142 -0.30 -3.55 -6.72
C GLY A 142 -0.21 -2.36 -5.78
N ASP A 143 0.71 -2.39 -4.83
CA ASP A 143 0.85 -1.29 -3.89
C ASP A 143 1.49 -0.04 -4.48
N VAL A 144 2.59 -0.21 -5.20
CA VAL A 144 3.30 0.92 -5.78
C VAL A 144 2.51 1.67 -6.83
N ILE A 145 1.81 0.94 -7.70
CA ILE A 145 1.05 1.56 -8.76
C ILE A 145 -0.26 2.07 -8.19
N GLY A 146 -0.76 1.41 -7.15
CA GLY A 146 -1.97 1.87 -6.51
C GLY A 146 -1.75 3.19 -5.77
N GLN A 147 -0.55 3.36 -5.22
CA GLN A 147 -0.17 4.57 -4.49
C GLN A 147 0.08 5.73 -5.46
N LEU A 148 0.47 5.43 -6.69
CA LEU A 148 0.69 6.50 -7.66
C LEU A 148 -0.67 7.01 -8.16
N ALA A 149 -1.66 6.11 -8.21
CA ALA A 149 -3.00 6.45 -8.66
C ALA A 149 -3.70 7.27 -7.58
N GLY A 150 -3.42 6.97 -6.31
CA GLY A 150 -4.03 7.72 -5.24
C GLY A 150 -5.52 7.42 -5.05
N GLY A 151 -6.11 8.01 -4.01
CA GLY A 151 -7.52 7.80 -3.74
C GLY A 151 -7.98 6.35 -3.83
N ILE A 152 -9.18 6.16 -4.37
CA ILE A 152 -9.74 4.83 -4.54
C ILE A 152 -9.37 4.39 -5.96
N GLU A 153 -8.31 3.62 -6.05
CA GLU A 153 -7.81 3.16 -7.34
C GLU A 153 -8.39 1.83 -7.75
N VAL A 154 -8.28 1.52 -9.04
CA VAL A 154 -8.78 0.28 -9.59
C VAL A 154 -7.84 -0.11 -10.71
N ARG A 155 -7.12 -1.21 -10.51
CA ARG A 155 -6.15 -1.71 -11.50
C ARG A 155 -6.88 -2.54 -12.53
N ILE A 156 -7.10 -1.95 -13.70
CA ILE A 156 -7.83 -2.62 -14.77
C ILE A 156 -6.93 -3.36 -15.76
N LYS A 157 -5.68 -2.95 -15.84
CA LYS A 157 -4.73 -3.58 -16.74
C LYS A 157 -3.45 -3.83 -15.94
N PRO A 158 -3.09 -5.11 -15.74
CA PRO A 158 -1.89 -5.54 -14.99
C PRO A 158 -0.58 -5.03 -15.58
N GLY A 159 0.31 -4.54 -14.71
CA GLY A 159 1.58 -4.03 -15.17
C GLY A 159 2.17 -3.02 -14.21
N GLY A 160 3.41 -2.60 -14.46
CA GLY A 160 4.04 -1.65 -13.57
C GLY A 160 3.91 -0.23 -14.10
N PRO A 161 4.47 0.76 -13.40
CA PRO A 161 4.38 2.16 -13.84
C PRO A 161 4.79 2.30 -15.30
N GLY A 162 4.02 3.09 -16.04
CA GLY A 162 4.32 3.31 -17.44
C GLY A 162 3.79 2.21 -18.33
N ILE A 163 3.40 1.09 -17.73
CA ILE A 163 2.88 -0.02 -18.51
C ILE A 163 1.46 -0.40 -18.11
N GLY A 164 1.21 -0.52 -16.81
CA GLY A 164 -0.14 -0.86 -16.37
C GLY A 164 -1.14 0.29 -16.43
N VAL A 165 -2.42 -0.01 -16.23
CA VAL A 165 -3.48 1.00 -16.28
C VAL A 165 -4.39 0.90 -15.07
N THR A 166 -4.51 2.01 -14.34
CA THR A 166 -5.38 2.02 -13.17
C THR A 166 -6.35 3.17 -13.40
N ASP A 167 -7.51 3.10 -12.75
CA ASP A 167 -8.52 4.12 -12.89
C ASP A 167 -8.88 4.53 -11.47
N ASN A 168 -9.65 5.60 -11.33
CA ASN A 168 -10.03 6.06 -10.02
C ASN A 168 -11.54 6.24 -9.99
N LEU A 169 -12.13 6.00 -8.83
CA LEU A 169 -13.57 6.15 -8.67
C LEU A 169 -13.84 7.43 -7.93
N PHE A 170 -15.06 7.94 -8.08
CA PHE A 170 -15.44 9.15 -7.39
C PHE A 170 -16.09 8.71 -6.09
N PHE A 171 -16.07 9.57 -5.09
CA PHE A 171 -16.68 9.23 -3.83
C PHE A 171 -16.95 10.51 -3.07
N GLU A 172 -17.78 10.40 -2.04
CA GLU A 172 -18.13 11.58 -1.28
C GLU A 172 -18.27 11.31 0.21
N ASP A 173 -17.87 12.27 1.02
CA ASP A 173 -17.93 12.18 2.47
C ASP A 173 -17.55 10.82 3.01
N TYR A 174 -16.50 10.23 2.47
CA TYR A 174 -16.04 8.93 2.96
C TYR A 174 -14.68 8.99 3.61
N LYS A 175 -14.59 8.29 4.72
CA LYS A 175 -13.38 8.20 5.51
C LYS A 175 -13.12 6.71 5.62
N VAL A 176 -11.94 6.32 6.08
CA VAL A 176 -11.62 4.90 6.23
C VAL A 176 -11.40 4.48 7.69
N LEU A 177 -12.04 3.38 8.06
CA LEU A 177 -11.91 2.81 9.39
C LEU A 177 -11.08 1.55 9.20
N VAL A 178 -10.19 1.28 10.14
CA VAL A 178 -9.38 0.07 10.03
C VAL A 178 -9.17 -0.62 11.38
N VAL A 179 -9.39 -1.93 11.38
CA VAL A 179 -9.21 -2.72 12.59
C VAL A 179 -8.07 -3.68 12.31
N PRO A 180 -6.82 -3.21 12.50
CA PRO A 180 -5.63 -4.04 12.26
C PRO A 180 -5.46 -5.04 13.38
N LEU A 181 -5.21 -6.30 13.03
CA LEU A 181 -5.06 -7.32 14.05
C LEU A 181 -3.69 -7.99 13.99
N GLY A 182 -3.26 -8.38 12.79
CA GLY A 182 -1.97 -9.01 12.69
C GLY A 182 -1.57 -9.35 11.27
N ARG A 183 -0.69 -10.36 11.15
CA ARG A 183 -0.19 -10.82 9.86
C ARG A 183 -1.01 -12.02 9.35
N LEU A 184 -0.46 -12.79 8.41
CA LEU A 184 -1.16 -13.94 7.86
C LEU A 184 -0.39 -15.25 8.04
N SER A 185 0.86 -15.27 7.55
CA SER A 185 1.70 -16.45 7.66
C SER A 185 1.09 -17.64 6.90
N ASP A 191 -2.89 -22.42 -0.09
CA ASP A 191 -3.48 -23.64 -0.65
C ASP A 191 -3.79 -23.42 -2.12
N GLY A 192 -3.45 -24.39 -2.95
CA GLY A 192 -3.73 -24.26 -4.38
C GLY A 192 -5.18 -23.97 -4.66
N ASP A 193 -6.04 -24.35 -3.72
CA ASP A 193 -7.48 -24.16 -3.82
C ASP A 193 -7.90 -22.69 -3.96
N VAL A 194 -7.27 -21.82 -3.19
CA VAL A 194 -7.59 -20.38 -3.26
C VAL A 194 -7.00 -19.67 -4.46
N VAL A 195 -5.90 -20.21 -5.00
CA VAL A 195 -5.26 -19.60 -6.17
C VAL A 195 -6.26 -19.49 -7.31
N LYS A 196 -7.03 -20.56 -7.50
CA LYS A 196 -8.04 -20.60 -8.55
C LYS A 196 -9.30 -19.87 -8.06
N ALA A 197 -9.39 -19.64 -6.76
CA ALA A 197 -10.53 -18.94 -6.17
C ALA A 197 -10.31 -17.44 -6.28
N ILE A 198 -9.06 -17.06 -6.52
CA ILE A 198 -8.72 -15.66 -6.66
C ILE A 198 -8.83 -15.29 -8.13
N GLU A 199 -8.32 -16.16 -9.00
CA GLU A 199 -8.38 -15.94 -10.43
C GLU A 199 -9.82 -15.69 -10.88
N VAL A 200 -10.75 -16.42 -10.27
CA VAL A 200 -12.16 -16.33 -10.63
C VAL A 200 -12.95 -15.24 -9.92
N GLU A 201 -13.00 -15.29 -8.60
CA GLU A 201 -13.74 -14.29 -7.84
C GLU A 201 -13.20 -12.89 -8.12
N GLY A 202 -11.88 -12.78 -8.21
CA GLY A 202 -11.25 -11.49 -8.48
C GLY A 202 -11.67 -10.90 -9.80
N ARG A 203 -11.34 -11.57 -10.91
CA ARG A 203 -11.68 -11.07 -12.24
C ARG A 203 -13.17 -10.81 -12.34
N LYS A 204 -13.93 -11.50 -11.50
CA LYS A 204 -15.38 -11.34 -11.50
C LYS A 204 -15.73 -10.03 -10.81
N ALA A 205 -15.07 -9.76 -9.68
CA ALA A 205 -15.31 -8.56 -8.90
C ALA A 205 -14.95 -7.31 -9.70
N LEU A 206 -13.88 -7.41 -10.48
CA LEU A 206 -13.41 -6.31 -11.30
C LEU A 206 -14.42 -5.97 -12.39
N GLU A 207 -14.80 -6.99 -13.16
CA GLU A 207 -15.76 -6.81 -14.25
C GLU A 207 -17.06 -6.24 -13.72
N GLU A 208 -17.46 -6.67 -12.52
CA GLU A 208 -18.69 -6.18 -11.89
C GLU A 208 -18.58 -4.74 -11.41
N LEU A 209 -17.35 -4.31 -11.14
CA LEU A 209 -17.07 -2.95 -10.68
C LEU A 209 -17.06 -1.99 -11.87
N LEU A 210 -16.50 -2.43 -12.98
CA LEU A 210 -16.46 -1.61 -14.18
C LEU A 210 -17.86 -1.47 -14.77
N LYS A 211 -18.84 -2.06 -14.09
CA LYS A 211 -20.24 -2.02 -14.54
C LYS A 211 -20.91 -1.00 -13.67
N GLU A 212 -20.54 -1.08 -12.41
CA GLU A 212 -21.02 -0.11 -11.48
C GLU A 212 -19.80 0.50 -10.81
N PRO A 213 -19.28 1.62 -11.35
CA PRO A 213 -18.12 2.28 -10.78
C PRO A 213 -18.54 2.99 -9.50
N LYS A 214 -18.50 2.34 -8.35
CA LYS A 214 -18.86 3.05 -7.13
C LYS A 214 -18.16 2.43 -5.94
N PRO A 215 -17.92 3.22 -4.88
CA PRO A 215 -17.25 2.69 -3.69
C PRO A 215 -18.15 1.71 -2.97
N GLU A 216 -19.44 2.03 -2.89
CA GLU A 216 -20.41 1.15 -2.22
C GLU A 216 -20.33 -0.23 -2.87
N ARG A 217 -20.37 -0.23 -4.19
CA ARG A 217 -20.33 -1.45 -4.97
C ARG A 217 -19.05 -2.24 -4.68
N MET A 218 -17.94 -1.52 -4.54
CA MET A 218 -16.63 -2.13 -4.28
C MET A 218 -16.62 -2.82 -2.93
N MET A 219 -17.18 -2.15 -1.93
CA MET A 219 -17.25 -2.70 -0.57
C MET A 219 -18.12 -3.94 -0.46
N VAL A 220 -19.02 -4.11 -1.42
CA VAL A 220 -19.90 -5.26 -1.46
C VAL A 220 -19.20 -6.37 -2.23
N LEU A 221 -18.59 -5.99 -3.36
CA LEU A 221 -17.85 -6.93 -4.20
C LEU A 221 -16.62 -7.45 -3.45
N ALA A 222 -16.17 -6.69 -2.46
CA ALA A 222 -15.01 -7.07 -1.65
C ALA A 222 -15.39 -8.08 -0.58
N ARG A 223 -16.39 -7.71 0.22
CA ARG A 223 -16.88 -8.57 1.31
C ARG A 223 -17.22 -9.97 0.80
N ASN A 224 -17.59 -10.06 -0.48
CA ASN A 224 -17.92 -11.34 -1.09
C ASN A 224 -16.62 -12.04 -1.47
N PHE A 225 -15.75 -11.33 -2.17
CA PHE A 225 -14.45 -11.88 -2.58
C PHE A 225 -13.70 -12.55 -1.42
N ALA A 226 -13.62 -11.86 -0.29
CA ALA A 226 -12.90 -12.40 0.86
C ALA A 226 -13.47 -13.71 1.37
N GLU A 227 -14.80 -13.84 1.31
CA GLU A 227 -15.49 -15.05 1.79
C GLU A 227 -15.56 -16.15 0.74
N LYS A 228 -15.92 -15.77 -0.48
CA LYS A 228 -16.03 -16.73 -1.57
C LYS A 228 -14.70 -17.36 -1.96
N THR A 229 -13.64 -16.98 -1.25
CA THR A 229 -12.31 -17.51 -1.54
C THR A 229 -11.69 -18.21 -0.33
N GLY A 230 -12.36 -18.08 0.82
CA GLY A 230 -11.86 -18.70 2.04
C GLY A 230 -10.86 -17.82 2.75
N LEU A 231 -10.26 -16.88 2.02
CA LEU A 231 -9.27 -15.96 2.55
C LEU A 231 -9.71 -15.32 3.87
N LEU A 232 -10.98 -14.95 3.95
CA LEU A 232 -11.49 -14.30 5.14
C LEU A 232 -11.61 -15.24 6.33
N PRO A 233 -10.83 -15.00 7.39
CA PRO A 233 -10.87 -15.83 8.59
C PRO A 233 -12.22 -15.71 9.29
N GLY A 234 -12.63 -16.77 9.98
CA GLY A 234 -13.90 -16.71 10.67
C GLY A 234 -13.81 -15.69 11.79
N GLU A 235 -12.67 -15.68 12.46
CA GLU A 235 -12.46 -14.76 13.57
C GLU A 235 -12.60 -13.31 13.11
N LEU A 236 -12.39 -13.07 11.81
CA LEU A 236 -12.53 -11.73 11.25
C LEU A 236 -14.00 -11.56 10.87
N SER A 237 -14.52 -12.54 10.14
CA SER A 237 -15.91 -12.52 9.72
C SER A 237 -16.83 -12.17 10.88
N GLU A 238 -16.51 -12.67 12.07
CA GLU A 238 -17.31 -12.39 13.25
C GLU A 238 -17.24 -10.94 13.68
N ILE A 239 -16.07 -10.33 13.53
CA ILE A 239 -15.90 -8.92 13.88
C ILE A 239 -16.70 -8.12 12.86
N ALA A 240 -16.64 -8.59 11.61
CA ALA A 240 -17.32 -7.95 10.50
C ALA A 240 -18.82 -7.89 10.74
N ARG A 241 -19.43 -9.06 10.96
CA ARG A 241 -20.86 -9.15 11.17
C ARG A 241 -21.38 -8.22 12.26
N GLU A 242 -20.50 -7.79 13.15
CA GLU A 242 -20.91 -6.89 14.22
C GLU A 242 -20.78 -5.46 13.74
N LEU A 243 -19.72 -5.17 12.98
CA LEU A 243 -19.48 -3.83 12.43
C LEU A 243 -20.59 -3.48 11.46
N ASP A 244 -20.85 -4.38 10.52
CA ASP A 244 -21.89 -4.22 9.52
C ASP A 244 -23.19 -3.67 10.10
N LYS A 245 -23.59 -4.17 11.26
CA LYS A 245 -24.83 -3.74 11.90
C LYS A 245 -24.87 -2.21 12.12
N VAL A 246 -23.70 -1.56 12.08
CA VAL A 246 -23.64 -0.13 12.31
C VAL A 246 -23.25 0.66 11.05
N LEU A 247 -22.80 -0.05 10.02
CA LEU A 247 -22.34 0.60 8.79
C LEU A 247 -23.22 0.38 7.56
N LYS A 248 -23.49 1.48 6.85
CA LYS A 248 -24.30 1.44 5.64
C LYS A 248 -23.60 0.59 4.61
N ASN A 249 -22.30 0.42 4.79
CA ASN A 249 -21.49 -0.38 3.88
C ASN A 249 -20.84 -1.54 4.63
N PRO A 250 -20.63 -2.65 3.93
CA PRO A 250 -20.01 -3.83 4.53
C PRO A 250 -18.49 -3.75 4.69
N SER A 251 -18.03 -4.00 5.91
CA SER A 251 -16.60 -4.02 6.19
C SER A 251 -16.05 -5.22 5.41
N SER A 252 -14.76 -5.19 5.08
CA SER A 252 -14.15 -6.28 4.36
C SER A 252 -12.73 -6.51 4.86
N MET A 253 -12.18 -7.66 4.53
CA MET A 253 -10.84 -7.98 4.99
C MET A 253 -9.80 -7.14 4.26
N ILE A 254 -8.81 -6.67 5.02
CA ILE A 254 -7.71 -5.91 4.45
C ILE A 254 -6.89 -7.01 3.76
N MET A 255 -7.00 -7.09 2.45
CA MET A 255 -6.28 -8.12 1.69
C MET A 255 -4.81 -8.32 1.98
N LEU A 256 -4.52 -9.52 2.49
CA LEU A 256 -3.19 -9.99 2.84
C LEU A 256 -2.68 -9.41 4.15
N GLY A 257 -3.64 -9.19 5.04
CA GLY A 257 -3.38 -8.67 6.36
C GLY A 257 -4.53 -9.13 7.24
N LYS A 258 -4.25 -9.47 8.49
CA LYS A 258 -5.32 -9.89 9.38
C LYS A 258 -6.00 -8.66 9.96
N GLY A 259 -7.00 -8.16 9.24
CA GLY A 259 -7.71 -6.99 9.71
C GLY A 259 -8.90 -6.70 8.82
N LEU A 260 -9.60 -5.61 9.15
CA LEU A 260 -10.76 -5.20 8.38
C LEU A 260 -10.70 -3.70 8.14
N PHE A 261 -11.53 -3.25 7.23
CA PHE A 261 -11.59 -1.83 6.92
C PHE A 261 -12.97 -1.57 6.35
N ALA A 262 -13.35 -0.31 6.30
CA ALA A 262 -14.64 0.05 5.77
C ALA A 262 -14.68 1.55 5.55
N LEU A 263 -15.38 1.96 4.50
CA LEU A 263 -15.52 3.38 4.20
C LEU A 263 -16.65 3.81 5.12
N VAL A 264 -16.46 4.88 5.87
CA VAL A 264 -17.51 5.32 6.77
C VAL A 264 -17.71 6.83 6.81
N ARG A 265 -18.96 7.24 7.00
CA ARG A 265 -19.29 8.66 7.08
C ARG A 265 -18.87 9.10 8.47
N ASP A 266 -18.81 10.42 8.71
CA ASP A 266 -18.41 10.93 10.01
C ASP A 266 -19.29 10.45 11.16
N GLU A 267 -20.51 10.00 10.84
CA GLU A 267 -21.44 9.54 11.85
C GLU A 267 -21.22 8.06 12.19
N GLU A 268 -21.42 7.19 11.22
CA GLU A 268 -21.23 5.76 11.43
C GLU A 268 -19.90 5.51 12.13
N ALA A 269 -18.97 6.43 11.91
CA ALA A 269 -17.64 6.32 12.49
C ALA A 269 -17.69 6.26 13.99
N GLU A 270 -18.11 7.36 14.62
CA GLU A 270 -18.20 7.43 16.07
C GLU A 270 -18.99 6.24 16.60
N LYS A 271 -20.03 5.85 15.87
CA LYS A 271 -20.88 4.73 16.27
C LYS A 271 -20.07 3.44 16.25
N ALA A 272 -19.26 3.28 15.22
CA ALA A 272 -18.43 2.09 15.08
C ALA A 272 -17.30 2.12 16.11
N LYS A 273 -16.83 3.32 16.45
CA LYS A 273 -15.75 3.45 17.42
C LYS A 273 -16.19 2.87 18.76
N GLN A 274 -17.45 3.07 19.07
CA GLN A 274 -18.01 2.56 20.31
C GLN A 274 -18.01 1.04 20.31
N LEU A 275 -18.65 0.45 19.30
CA LEU A 275 -18.73 -0.99 19.16
C LEU A 275 -17.38 -1.68 19.22
N LEU A 276 -16.38 -1.07 18.59
CA LEU A 276 -15.04 -1.65 18.55
C LEU A 276 -14.27 -1.51 19.85
N SER A 277 -14.28 -0.31 20.43
CA SER A 277 -13.57 -0.11 21.69
C SER A 277 -14.26 -0.96 22.75
N ASP A 278 -15.52 -1.29 22.46
CA ASP A 278 -16.32 -2.11 23.37
C ASP A 278 -15.88 -3.56 23.27
N MET A 279 -15.44 -3.96 22.08
CA MET A 279 -15.00 -5.33 21.86
C MET A 279 -13.51 -5.48 22.14
N ASN A 280 -12.95 -4.50 22.86
CA ASN A 280 -11.53 -4.51 23.20
C ASN A 280 -10.67 -4.67 21.94
N LEU A 281 -11.10 -4.04 20.85
CA LEU A 281 -10.39 -4.11 19.59
C LEU A 281 -9.64 -2.84 19.25
N PRO A 282 -8.54 -2.98 18.47
CA PRO A 282 -7.72 -1.84 18.06
C PRO A 282 -8.28 -1.26 16.74
N TYR A 283 -8.37 0.05 16.65
CA TYR A 283 -8.88 0.67 15.43
C TYR A 283 -8.18 1.97 15.07
N ASP A 284 -8.26 2.32 13.79
CA ASP A 284 -7.66 3.54 13.27
C ASP A 284 -8.56 4.17 12.22
N ILE A 285 -8.57 5.50 12.23
CA ILE A 285 -9.35 6.27 11.26
C ILE A 285 -8.40 7.12 10.42
N ALA A 286 -8.43 6.85 9.13
CA ALA A 286 -7.62 7.61 8.21
C ALA A 286 -8.49 8.15 7.07
N GLU A 287 -8.17 9.35 6.59
CA GLU A 287 -8.92 9.93 5.48
C GLU A 287 -8.40 9.28 4.20
N ILE A 288 -9.18 9.34 3.12
CA ILE A 288 -8.73 8.77 1.87
C ILE A 288 -7.79 9.80 1.24
N TYR A 289 -6.53 9.41 1.07
CA TYR A 289 -5.51 10.25 0.47
C TYR A 289 -5.78 10.33 -1.02
N THR A 290 -6.41 11.41 -1.44
CA THR A 290 -6.81 11.60 -2.84
C THR A 290 -5.70 12.15 -3.72
N GLU A 291 -4.69 12.68 -3.06
CA GLU A 291 -3.54 13.27 -3.73
C GLU A 291 -2.56 12.24 -4.27
N ARG A 292 -1.38 12.72 -4.67
CA ARG A 292 -0.33 11.86 -5.18
C ARG A 292 0.86 11.89 -4.21
N PRO A 293 1.77 10.92 -4.34
CA PRO A 293 2.95 10.85 -3.47
C PRO A 293 3.68 12.18 -3.47
N LYS A 294 4.29 12.54 -2.34
CA LYS A 294 5.01 13.81 -2.22
C LYS A 294 6.52 13.62 -2.10
N VAL A 295 7.28 14.47 -2.79
CA VAL A 295 8.73 14.45 -2.73
C VAL A 295 9.20 15.90 -2.80
N GLY A 296 10.19 16.27 -2.00
CA GLY A 296 10.69 17.63 -2.01
C GLY A 296 11.66 17.90 -0.88
N ARG A 297 12.38 19.01 -0.97
CA ARG A 297 13.35 19.36 0.07
C ARG A 297 12.56 19.51 1.36
N TRP A 298 13.01 18.86 2.43
CA TRP A 298 12.29 18.94 3.70
C TRP A 298 12.41 20.32 4.32
N VAL A 299 11.35 21.10 4.20
CA VAL A 299 11.38 22.45 4.72
C VAL A 299 10.27 22.67 5.76
N GLY A 300 9.73 21.58 6.30
CA GLY A 300 8.70 21.69 7.32
C GLY A 300 7.31 21.38 6.81
#